data_2RMW
#
_entry.id   2RMW
#
_entity_poly.entity_id   1
_entity_poly.type   'polypeptide(L)'
_entity_poly.pdbx_seq_one_letter_code
;GNDYEDRYYRENMYAYPNQVYYRPVC
;
_entity_poly.pdbx_strand_id   A
#
# COMPACT_ATOMS: atom_id res chain seq x y z
N GLY A 1 1.46 13.40 -12.03
CA GLY A 1 0.52 12.63 -11.16
C GLY A 1 1.05 11.25 -10.82
N ASN A 2 0.16 10.28 -10.70
CA ASN A 2 0.55 8.92 -10.43
C ASN A 2 -0.64 7.98 -10.62
N ASP A 3 -0.40 6.87 -11.29
CA ASP A 3 -1.43 5.87 -11.51
C ASP A 3 -0.82 4.48 -11.37
N TYR A 4 -1.23 3.76 -10.35
CA TYR A 4 -0.58 2.52 -9.99
C TYR A 4 -1.46 1.29 -10.24
N GLU A 5 -2.14 0.83 -9.20
CA GLU A 5 -2.87 -0.43 -9.29
C GLU A 5 -4.31 -0.25 -8.83
N ASP A 6 -4.52 -0.14 -7.53
CA ASP A 6 -5.85 0.13 -6.98
C ASP A 6 -6.27 1.54 -7.32
N ARG A 7 -5.30 2.43 -7.25
CA ARG A 7 -5.44 3.82 -7.67
C ARG A 7 -4.05 4.44 -7.67
N TYR A 8 -3.51 4.58 -6.47
CA TYR A 8 -2.13 4.98 -6.32
C TYR A 8 -1.34 3.81 -5.75
N TYR A 9 -0.17 4.09 -5.19
CA TYR A 9 0.71 3.05 -4.63
C TYR A 9 0.18 2.52 -3.29
N ARG A 10 -1.12 2.30 -3.24
CA ARG A 10 -1.77 1.88 -2.00
C ARG A 10 -1.52 0.40 -1.73
N GLU A 11 -1.26 -0.35 -2.80
CA GLU A 11 -1.02 -1.78 -2.70
C GLU A 11 0.46 -2.04 -2.41
N ASN A 12 1.15 -1.01 -1.96
CA ASN A 12 2.58 -1.11 -1.68
C ASN A 12 2.92 -0.44 -0.37
N MET A 13 2.78 0.89 -0.35
CA MET A 13 3.16 1.69 0.79
C MET A 13 2.50 3.06 0.68
N TYR A 14 1.36 3.23 1.34
CA TYR A 14 0.71 4.53 1.34
C TYR A 14 0.62 5.08 2.75
N ALA A 15 0.30 4.22 3.70
CA ALA A 15 0.18 4.59 5.10
C ALA A 15 0.14 3.35 5.97
N TYR A 16 -0.80 2.47 5.67
CA TYR A 16 -0.98 1.24 6.42
C TYR A 16 0.16 0.23 6.17
N PRO A 17 0.33 -0.26 4.93
CA PRO A 17 1.34 -1.28 4.65
C PRO A 17 2.72 -0.67 4.45
N ASN A 18 3.52 -0.70 5.50
CA ASN A 18 4.89 -0.20 5.44
C ASN A 18 5.77 -1.29 4.83
N GLN A 19 5.46 -2.52 5.18
CA GLN A 19 6.08 -3.69 4.59
C GLN A 19 4.96 -4.68 4.26
N VAL A 20 4.37 -5.24 5.30
CA VAL A 20 3.11 -5.96 5.19
C VAL A 20 2.09 -5.13 5.94
N TYR A 21 2.23 -5.10 7.24
CA TYR A 21 1.79 -3.98 8.03
C TYR A 21 3.02 -3.15 8.34
N TYR A 22 3.82 -3.65 9.26
CA TYR A 22 5.16 -3.16 9.42
C TYR A 22 6.07 -4.24 10.01
N ARG A 23 5.91 -4.56 11.28
CA ARG A 23 6.64 -5.66 11.88
C ARG A 23 5.85 -6.97 11.78
N PRO A 24 4.55 -6.97 12.19
CA PRO A 24 3.69 -8.16 12.04
C PRO A 24 3.35 -8.42 10.58
N VAL A 25 3.22 -9.69 10.24
CA VAL A 25 2.84 -10.08 8.89
C VAL A 25 1.33 -10.18 8.77
N CYS A 26 0.78 -9.54 7.75
CA CYS A 26 -0.66 -9.55 7.53
C CYS A 26 -0.96 -9.48 6.04
N GLY A 1 -2.23 13.43 -9.15
CA GLY A 1 -3.06 12.51 -9.95
C GLY A 1 -2.20 11.54 -10.75
N ASN A 2 -2.45 10.25 -10.56
CA ASN A 2 -1.68 9.21 -11.25
C ASN A 2 -2.46 7.91 -11.24
N ASP A 3 -1.97 6.92 -11.96
CA ASP A 3 -2.63 5.63 -12.02
C ASP A 3 -1.64 4.51 -11.73
N TYR A 4 -2.07 3.52 -10.95
CA TYR A 4 -1.21 2.42 -10.56
C TYR A 4 -1.94 1.08 -10.58
N GLU A 5 -2.41 0.66 -9.41
CA GLU A 5 -3.00 -0.67 -9.24
C GLU A 5 -4.51 -0.55 -9.13
N ASP A 6 -4.99 -0.30 -7.93
CA ASP A 6 -6.40 -0.02 -7.70
C ASP A 6 -6.62 1.48 -7.76
N ARG A 7 -5.56 2.22 -7.49
CA ARG A 7 -5.58 3.66 -7.54
C ARG A 7 -4.15 4.19 -7.72
N TYR A 8 -3.43 4.26 -6.61
CA TYR A 8 -2.03 4.68 -6.63
C TYR A 8 -1.16 3.54 -6.11
N TYR A 9 0.00 3.88 -5.56
CA TYR A 9 0.89 2.91 -4.95
C TYR A 9 0.35 2.46 -3.58
N ARG A 10 -0.95 2.37 -3.49
CA ARG A 10 -1.63 2.16 -2.22
C ARG A 10 -1.55 0.71 -1.81
N GLU A 11 -1.19 -0.14 -2.75
CA GLU A 11 -0.99 -1.56 -2.49
C GLU A 11 0.44 -1.76 -1.96
N ASN A 12 1.23 -0.70 -2.05
CA ASN A 12 2.63 -0.75 -1.69
C ASN A 12 2.85 0.02 -0.39
N MET A 13 2.43 1.27 -0.40
CA MET A 13 2.47 2.11 0.78
C MET A 13 1.53 3.31 0.59
N TYR A 14 0.28 3.13 0.99
CA TYR A 14 -0.72 4.17 0.83
C TYR A 14 -0.49 5.30 1.83
N ALA A 15 -0.61 4.99 3.10
CA ALA A 15 -0.32 5.95 4.16
C ALA A 15 0.60 5.30 5.19
N TYR A 16 0.91 4.04 4.91
CA TYR A 16 1.75 3.24 5.79
C TYR A 16 2.72 2.44 4.93
N PRO A 17 4.01 2.79 4.97
CA PRO A 17 5.04 2.06 4.23
C PRO A 17 5.27 0.67 4.81
N ASN A 18 4.91 -0.34 4.03
CA ASN A 18 5.00 -1.73 4.47
C ASN A 18 6.45 -2.23 4.44
N GLN A 19 7.39 -1.33 4.72
CA GLN A 19 8.80 -1.68 4.73
C GLN A 19 9.47 -1.19 6.00
N VAL A 20 8.83 -0.26 6.69
CA VAL A 20 9.42 0.32 7.88
C VAL A 20 8.97 -0.44 9.13
N TYR A 21 7.71 -0.84 9.15
CA TYR A 21 7.16 -1.52 10.31
C TYR A 21 6.18 -2.62 9.93
N TYR A 22 6.47 -3.33 8.85
CA TYR A 22 5.65 -4.48 8.47
C TYR A 22 6.03 -5.68 9.33
N ARG A 23 7.33 -5.88 9.53
CA ARG A 23 7.82 -6.91 10.43
C ARG A 23 8.63 -6.28 11.58
N PRO A 24 9.59 -5.37 11.29
CA PRO A 24 10.27 -4.62 12.34
C PRO A 24 9.33 -3.61 12.98
N VAL A 25 9.67 -3.16 14.17
CA VAL A 25 8.80 -2.22 14.88
C VAL A 25 9.33 -0.79 14.76
N CYS A 26 8.44 0.10 14.37
CA CYS A 26 8.77 1.51 14.19
C CYS A 26 8.94 2.19 15.54
N GLY A 1 -0.55 10.62 -14.71
CA GLY A 1 -1.19 10.62 -13.38
C GLY A 1 -0.64 9.54 -12.47
N ASN A 2 -1.54 8.82 -11.82
CA ASN A 2 -1.16 7.78 -10.87
C ASN A 2 -1.88 6.48 -11.16
N ASP A 3 -1.25 5.35 -10.84
CA ASP A 3 -1.88 4.05 -11.01
C ASP A 3 -1.10 2.95 -10.30
N TYR A 4 -1.84 2.05 -9.66
CA TYR A 4 -1.28 0.83 -9.11
C TYR A 4 -2.24 -0.30 -9.48
N GLU A 5 -2.50 -1.23 -8.57
CA GLU A 5 -3.53 -2.23 -8.78
C GLU A 5 -4.94 -1.62 -8.72
N ASP A 6 -5.02 -0.28 -8.63
CA ASP A 6 -6.31 0.40 -8.60
C ASP A 6 -6.17 1.90 -8.93
N ARG A 7 -5.78 2.70 -7.94
CA ARG A 7 -5.72 4.16 -8.13
C ARG A 7 -4.30 4.70 -8.11
N TYR A 8 -3.64 4.68 -6.96
CA TYR A 8 -2.32 5.30 -6.83
C TYR A 8 -1.22 4.28 -6.57
N TYR A 9 -0.97 3.95 -5.31
CA TYR A 9 0.07 2.99 -4.96
C TYR A 9 -0.18 2.37 -3.59
N ARG A 10 -1.45 2.29 -3.21
CA ARG A 10 -1.83 1.95 -1.84
C ARG A 10 -1.59 0.47 -1.54
N GLU A 11 -1.24 -0.29 -2.56
CA GLU A 11 -0.92 -1.70 -2.39
C GLU A 11 0.39 -1.89 -1.63
N ASN A 12 1.21 -0.85 -1.64
CA ASN A 12 2.53 -0.93 -1.05
C ASN A 12 2.56 -0.11 0.24
N MET A 13 2.92 1.15 0.10
CA MET A 13 2.87 2.12 1.18
C MET A 13 1.96 3.26 0.71
N TYR A 14 1.30 3.96 1.63
CA TYR A 14 0.37 4.99 1.17
C TYR A 14 0.25 6.17 2.14
N ALA A 15 0.31 5.93 3.45
CA ALA A 15 0.05 7.01 4.40
C ALA A 15 0.90 6.91 5.67
N TYR A 16 1.05 5.71 6.21
CA TYR A 16 1.75 5.54 7.49
C TYR A 16 2.96 4.63 7.35
N PRO A 17 3.92 4.95 6.48
CA PRO A 17 5.03 4.05 6.18
C PRO A 17 6.10 4.05 7.26
N ASN A 18 6.43 2.86 7.75
CA ASN A 18 7.53 2.69 8.69
C ASN A 18 8.65 1.87 8.05
N GLN A 19 8.42 1.50 6.81
CA GLN A 19 9.43 0.95 5.89
C GLN A 19 8.75 0.92 4.57
N VAL A 20 7.67 0.23 4.64
CA VAL A 20 6.60 0.28 3.73
C VAL A 20 5.40 0.33 4.65
N TYR A 21 5.35 -0.69 5.52
CA TYR A 21 4.49 -0.75 6.69
C TYR A 21 5.07 -1.75 7.68
N TYR A 22 5.94 -1.27 8.56
CA TYR A 22 6.64 -2.15 9.47
C TYR A 22 7.09 -1.40 10.74
N ARG A 23 8.31 -0.84 10.73
CA ARG A 23 8.87 -0.15 11.89
C ARG A 23 10.18 0.63 11.61
N PRO A 24 11.09 0.15 10.71
CA PRO A 24 12.36 0.85 10.40
C PRO A 24 12.18 2.16 9.63
N VAL A 25 12.89 2.27 8.52
CA VAL A 25 12.79 3.44 7.66
C VAL A 25 11.99 3.12 6.40
N CYS A 26 10.95 3.90 6.16
CA CYS A 26 10.15 3.77 4.94
C CYS A 26 10.92 4.32 3.73
N GLY A 1 -0.08 10.92 -15.31
CA GLY A 1 0.27 9.50 -15.58
C GLY A 1 0.53 8.74 -14.30
N ASN A 2 -0.50 8.64 -13.47
CA ASN A 2 -0.37 7.95 -12.20
C ASN A 2 -1.45 6.91 -12.05
N ASP A 3 -1.08 5.65 -12.29
CA ASP A 3 -1.98 4.51 -12.18
C ASP A 3 -1.15 3.28 -11.84
N TYR A 4 -1.55 2.52 -10.82
CA TYR A 4 -0.70 1.45 -10.34
C TYR A 4 -1.43 0.10 -10.26
N GLU A 5 -2.66 0.10 -9.76
CA GLU A 5 -3.41 -1.12 -9.55
C GLU A 5 -4.86 -0.79 -9.20
N ASP A 6 -5.12 -0.48 -7.93
CA ASP A 6 -6.44 -0.06 -7.48
C ASP A 6 -6.57 1.47 -7.48
N ARG A 7 -5.44 2.16 -7.33
CA ARG A 7 -5.44 3.62 -7.32
C ARG A 7 -4.05 4.18 -7.66
N TYR A 8 -3.20 4.42 -6.65
CA TYR A 8 -1.92 5.09 -6.92
C TYR A 8 -0.67 4.36 -6.41
N TYR A 9 -0.62 4.02 -5.12
CA TYR A 9 0.59 3.39 -4.57
C TYR A 9 0.38 2.79 -3.18
N ARG A 10 -0.80 2.24 -2.95
CA ARG A 10 -1.14 1.76 -1.61
C ARG A 10 -1.00 0.25 -1.48
N GLU A 11 -1.12 -0.47 -2.59
CA GLU A 11 -0.91 -1.92 -2.58
C GLU A 11 0.58 -2.27 -2.52
N ASN A 12 1.41 -1.23 -2.37
CA ASN A 12 2.80 -1.42 -2.02
C ASN A 12 2.95 -1.29 -0.51
N MET A 13 3.05 -0.05 -0.06
CA MET A 13 2.92 0.30 1.35
C MET A 13 2.84 1.82 1.49
N TYR A 14 1.62 2.33 1.54
CA TYR A 14 1.38 3.76 1.63
C TYR A 14 0.84 4.12 3.02
N ALA A 15 0.06 3.22 3.58
CA ALA A 15 -0.60 3.47 4.85
C ALA A 15 -1.23 2.19 5.37
N TYR A 16 -1.60 1.33 4.45
CA TYR A 16 -2.28 0.08 4.79
C TYR A 16 -1.35 -1.10 4.63
N PRO A 17 -1.14 -1.87 5.71
CA PRO A 17 -0.53 -3.20 5.62
C PRO A 17 -1.50 -4.16 4.96
N ASN A 18 -1.54 -4.07 3.64
CA ASN A 18 -2.46 -4.83 2.81
C ASN A 18 -2.00 -6.27 2.68
N GLN A 19 -1.66 -6.88 3.80
CA GLN A 19 -1.38 -8.30 3.84
C GLN A 19 -2.33 -9.00 4.77
N VAL A 20 -2.98 -8.23 5.63
CA VAL A 20 -3.90 -8.79 6.59
C VAL A 20 -5.29 -8.95 5.98
N TYR A 21 -5.68 -7.99 5.16
CA TYR A 21 -7.03 -7.97 4.62
C TYR A 21 -7.04 -8.17 3.11
N TYR A 22 -5.87 -8.35 2.50
CA TYR A 22 -5.78 -8.40 1.06
C TYR A 22 -6.08 -9.81 0.56
N ARG A 23 -5.53 -10.80 1.22
CA ARG A 23 -5.73 -12.19 0.84
C ARG A 23 -6.30 -12.99 2.02
N PRO A 24 -5.73 -12.87 3.24
CA PRO A 24 -6.36 -13.38 4.48
C PRO A 24 -7.60 -12.55 4.84
N VAL A 25 -8.21 -12.88 5.98
CA VAL A 25 -9.44 -12.22 6.39
C VAL A 25 -9.19 -11.21 7.50
N CYS A 26 -9.49 -9.96 7.21
CA CYS A 26 -9.43 -8.90 8.20
C CYS A 26 -10.64 -7.98 8.01
N GLY A 1 0.05 11.97 -13.68
CA GLY A 1 0.61 11.88 -12.32
C GLY A 1 1.13 10.49 -12.02
N ASN A 2 0.58 9.85 -11.00
CA ASN A 2 1.00 8.52 -10.59
C ASN A 2 -0.15 7.52 -10.68
N ASP A 3 -0.49 7.12 -11.91
CA ASP A 3 -1.59 6.18 -12.10
C ASP A 3 -1.06 4.76 -11.91
N TYR A 4 -1.63 4.05 -10.95
CA TYR A 4 -1.09 2.76 -10.54
C TYR A 4 -2.11 1.63 -10.65
N GLU A 5 -1.82 0.51 -10.00
CA GLU A 5 -2.58 -0.72 -10.19
C GLU A 5 -3.99 -0.61 -9.61
N ASP A 6 -4.08 -0.47 -8.30
CA ASP A 6 -5.38 -0.39 -7.63
C ASP A 6 -5.92 1.02 -7.65
N ARG A 7 -5.00 1.98 -7.56
CA ARG A 7 -5.33 3.40 -7.55
C ARG A 7 -4.05 4.21 -7.68
N TYR A 8 -3.32 4.31 -6.58
CA TYR A 8 -1.99 4.88 -6.58
C TYR A 8 -1.07 3.85 -5.96
N TYR A 9 0.10 4.27 -5.54
CA TYR A 9 1.11 3.39 -4.94
C TYR A 9 0.69 2.88 -3.55
N ARG A 10 -0.60 2.89 -3.26
CA ARG A 10 -1.09 2.39 -1.99
C ARG A 10 -1.73 1.02 -2.16
N GLU A 11 -1.58 0.42 -3.35
CA GLU A 11 -2.01 -0.96 -3.54
C GLU A 11 -0.99 -1.85 -2.83
N ASN A 12 0.19 -1.30 -2.64
CA ASN A 12 1.19 -1.89 -1.78
C ASN A 12 0.89 -1.46 -0.34
N MET A 13 1.48 -0.35 0.04
CA MET A 13 1.09 0.35 1.26
C MET A 13 1.79 1.70 1.30
N TYR A 14 1.08 2.71 1.77
CA TYR A 14 1.67 4.03 1.99
C TYR A 14 0.83 4.82 2.97
N ALA A 15 -0.47 4.83 2.74
CA ALA A 15 -1.39 5.56 3.60
C ALA A 15 -1.92 4.67 4.72
N TYR A 16 -2.03 3.37 4.46
CA TYR A 16 -2.61 2.48 5.45
C TYR A 16 -1.76 1.24 5.73
N PRO A 17 -1.24 1.13 6.96
CA PRO A 17 -0.80 -0.14 7.50
C PRO A 17 -1.89 -0.78 8.35
N ASN A 18 -3.00 -0.08 8.45
CA ASN A 18 -4.12 -0.49 9.29
C ASN A 18 -4.94 -1.58 8.62
N GLN A 19 -4.48 -2.06 7.48
CA GLN A 19 -5.19 -3.10 6.77
C GLN A 19 -4.42 -4.42 6.86
N VAL A 20 -3.39 -4.56 6.05
CA VAL A 20 -2.63 -5.80 5.97
C VAL A 20 -1.82 -6.03 7.24
N TYR A 21 -1.41 -4.94 7.86
CA TYR A 21 -0.41 -4.99 8.91
C TYR A 21 -1.05 -4.71 10.27
N TYR A 22 -2.38 -4.75 10.29
CA TYR A 22 -3.13 -4.46 11.50
C TYR A 22 -4.26 -5.46 11.71
N ARG A 23 -5.01 -5.74 10.64
CA ARG A 23 -6.19 -6.60 10.76
C ARG A 23 -5.79 -8.08 10.93
N PRO A 24 -5.06 -8.69 9.96
CA PRO A 24 -4.58 -10.05 10.08
C PRO A 24 -3.12 -10.11 10.49
N VAL A 25 -2.45 -11.18 10.12
CA VAL A 25 -1.01 -11.31 10.36
C VAL A 25 -0.24 -10.35 9.46
N CYS A 26 0.64 -9.57 10.07
CA CYS A 26 1.41 -8.57 9.37
C CYS A 26 2.66 -9.18 8.72
N GLY A 1 0.88 8.95 -15.78
CA GLY A 1 0.68 9.71 -14.52
C GLY A 1 1.01 8.89 -13.30
N ASN A 2 0.56 9.34 -12.13
CA ASN A 2 0.71 8.57 -10.91
C ASN A 2 -0.41 7.54 -10.82
N ASP A 3 -0.14 6.35 -11.32
CA ASP A 3 -1.13 5.29 -11.39
C ASP A 3 -0.46 3.96 -11.13
N TYR A 4 -0.92 3.26 -10.11
CA TYR A 4 -0.27 2.03 -9.68
C TYR A 4 -1.17 0.80 -9.91
N GLU A 5 -1.14 -0.15 -8.99
CA GLU A 5 -1.73 -1.47 -9.19
C GLU A 5 -3.25 -1.45 -9.22
N ASP A 6 -3.83 -0.38 -8.71
CA ASP A 6 -5.28 -0.18 -8.79
C ASP A 6 -5.61 1.30 -8.88
N ARG A 7 -4.96 2.07 -8.03
CA ARG A 7 -5.11 3.52 -8.05
C ARG A 7 -3.74 4.19 -7.89
N TYR A 8 -3.19 4.11 -6.69
CA TYR A 8 -1.95 4.76 -6.35
C TYR A 8 -1.10 3.81 -5.53
N TYR A 9 -0.12 4.32 -4.79
CA TYR A 9 0.75 3.46 -4.01
C TYR A 9 0.06 2.93 -2.73
N ARG A 10 -1.26 2.79 -2.80
CA ARG A 10 -2.03 2.32 -1.66
C ARG A 10 -2.03 0.81 -1.59
N GLU A 11 -2.18 0.17 -2.74
CA GLU A 11 -2.16 -1.28 -2.81
C GLU A 11 -0.74 -1.80 -2.76
N ASN A 12 0.19 -0.91 -2.46
CA ASN A 12 1.58 -1.28 -2.32
C ASN A 12 2.06 -0.90 -0.94
N MET A 13 2.42 0.37 -0.76
CA MET A 13 2.82 0.92 0.54
C MET A 13 2.75 2.44 0.51
N TYR A 14 1.86 3.01 1.30
CA TYR A 14 1.76 4.46 1.39
C TYR A 14 1.73 4.91 2.84
N ALA A 15 1.17 4.06 3.70
CA ALA A 15 1.07 4.33 5.12
C ALA A 15 0.62 3.06 5.81
N TYR A 16 -0.36 2.41 5.21
CA TYR A 16 -0.83 1.11 5.66
C TYR A 16 0.10 0.02 5.14
N PRO A 17 0.82 -0.66 6.05
CA PRO A 17 1.72 -1.75 5.68
C PRO A 17 0.96 -2.98 5.20
N ASN A 18 0.92 -3.14 3.88
CA ASN A 18 0.21 -4.24 3.24
C ASN A 18 1.00 -5.54 3.32
N GLN A 19 1.71 -5.71 4.43
CA GLN A 19 2.45 -6.93 4.69
C GLN A 19 2.11 -7.43 6.09
N VAL A 20 2.00 -6.49 7.02
CA VAL A 20 1.75 -6.82 8.42
C VAL A 20 0.33 -7.35 8.61
N TYR A 21 -0.60 -6.81 7.84
CA TYR A 21 -1.99 -7.27 7.90
C TYR A 21 -2.27 -8.21 6.74
N TYR A 22 -1.25 -8.42 5.92
CA TYR A 22 -1.37 -9.24 4.74
C TYR A 22 -1.11 -10.70 5.07
N ARG A 23 0.08 -10.97 5.59
CA ARG A 23 0.47 -12.32 5.94
C ARG A 23 -0.03 -12.67 7.35
N PRO A 24 0.33 -11.89 8.39
CA PRO A 24 -0.31 -11.98 9.70
C PRO A 24 -1.58 -11.16 9.73
N VAL A 25 -2.11 -10.88 10.92
CA VAL A 25 -3.29 -10.04 11.04
C VAL A 25 -2.89 -8.64 11.47
N CYS A 26 -2.21 -8.58 12.60
CA CYS A 26 -1.68 -7.35 13.15
C CYS A 26 -0.51 -7.68 14.06
N GLY A 1 7.70 3.29 -7.17
CA GLY A 1 7.27 4.69 -7.33
C GLY A 1 5.81 4.86 -6.98
N ASN A 2 5.13 5.77 -7.68
CA ASN A 2 3.69 5.94 -7.50
C ASN A 2 2.94 4.95 -8.39
N ASP A 3 3.49 3.76 -8.49
CA ASP A 3 2.88 2.70 -9.29
C ASP A 3 1.77 2.02 -8.48
N TYR A 4 0.66 1.78 -9.16
CA TYR A 4 -0.57 1.39 -8.48
C TYR A 4 -1.07 0.01 -8.83
N GLU A 5 -1.95 -0.47 -7.97
CA GLU A 5 -2.69 -1.70 -8.19
C GLU A 5 -4.14 -1.36 -8.52
N ASP A 6 -4.66 -0.36 -7.82
CA ASP A 6 -6.05 0.06 -7.96
C ASP A 6 -6.17 1.55 -8.27
N ARG A 7 -5.44 2.38 -7.52
CA ARG A 7 -5.46 3.82 -7.76
C ARG A 7 -4.05 4.38 -7.85
N TYR A 8 -3.29 4.23 -6.77
CA TYR A 8 -1.91 4.70 -6.73
C TYR A 8 -1.06 3.74 -5.91
N TYR A 9 0.10 4.21 -5.47
CA TYR A 9 1.07 3.36 -4.78
C TYR A 9 0.66 3.08 -3.33
N ARG A 10 -0.63 3.19 -3.03
CA ARG A 10 -1.12 2.89 -1.70
C ARG A 10 -1.23 1.40 -1.53
N GLU A 11 -1.64 0.74 -2.59
CA GLU A 11 -1.79 -0.70 -2.60
C GLU A 11 -0.44 -1.39 -2.52
N ASN A 12 0.62 -0.59 -2.37
CA ASN A 12 1.94 -1.11 -2.12
C ASN A 12 2.20 -1.05 -0.61
N MET A 13 2.60 0.12 -0.13
CA MET A 13 2.77 0.36 1.30
C MET A 13 2.98 1.85 1.51
N TYR A 14 1.88 2.57 1.57
CA TYR A 14 1.90 4.01 1.73
C TYR A 14 0.82 4.41 2.73
N ALA A 15 -0.41 4.46 2.26
CA ALA A 15 -1.56 4.68 3.13
C ALA A 15 -2.11 3.34 3.55
N TYR A 16 -1.70 2.31 2.81
CA TYR A 16 -2.15 0.95 3.04
C TYR A 16 -0.96 0.06 3.38
N PRO A 17 -0.74 -0.24 4.67
CA PRO A 17 0.24 -1.24 5.09
C PRO A 17 -0.24 -2.65 4.74
N ASN A 18 0.06 -3.08 3.51
CA ASN A 18 -0.37 -4.39 3.04
C ASN A 18 0.50 -5.49 3.63
N GLN A 19 0.42 -5.65 4.94
CA GLN A 19 1.14 -6.69 5.65
C GLN A 19 0.24 -7.26 6.74
N VAL A 20 -0.40 -6.37 7.48
CA VAL A 20 -1.29 -6.78 8.56
C VAL A 20 -2.55 -7.42 8.01
N TYR A 21 -3.03 -6.91 6.88
CA TYR A 21 -4.18 -7.49 6.21
C TYR A 21 -3.79 -8.03 4.83
N TYR A 22 -2.56 -8.49 4.72
CA TYR A 22 -2.09 -9.12 3.50
C TYR A 22 -2.38 -10.62 3.56
N ARG A 23 -1.73 -11.30 4.50
CA ARG A 23 -1.95 -12.71 4.72
C ARG A 23 -2.79 -12.93 5.98
N PRO A 24 -2.39 -12.38 7.14
CA PRO A 24 -3.26 -12.40 8.33
C PRO A 24 -4.44 -11.46 8.14
N VAL A 25 -5.49 -11.68 8.90
CA VAL A 25 -6.68 -10.86 8.77
C VAL A 25 -6.68 -9.72 9.79
N CYS A 26 -6.89 -8.51 9.30
CA CYS A 26 -6.93 -7.34 10.15
C CYS A 26 -8.35 -6.79 10.18
N GLY A 1 -0.63 11.61 -14.20
CA GLY A 1 -1.54 10.58 -13.63
C GLY A 1 -0.78 9.52 -12.87
N ASN A 2 -1.25 9.19 -11.69
CA ASN A 2 -0.63 8.15 -10.87
C ASN A 2 -1.59 6.97 -10.72
N ASP A 3 -1.03 5.77 -10.62
CA ASP A 3 -1.79 4.57 -10.32
C ASP A 3 -0.83 3.42 -10.03
N TYR A 4 -1.22 2.53 -9.13
CA TYR A 4 -0.42 1.37 -8.86
C TYR A 4 -0.92 0.21 -9.71
N GLU A 5 -2.13 -0.23 -9.42
CA GLU A 5 -2.80 -1.32 -10.09
C GLU A 5 -4.30 -1.14 -9.91
N ASP A 6 -4.68 0.04 -9.45
CA ASP A 6 -6.06 0.31 -9.04
C ASP A 6 -6.28 1.81 -8.80
N ARG A 7 -5.52 2.40 -7.87
CA ARG A 7 -5.63 3.84 -7.63
C ARG A 7 -4.27 4.58 -7.62
N TYR A 8 -3.37 4.28 -6.67
CA TYR A 8 -2.15 5.09 -6.52
C TYR A 8 -0.93 4.29 -6.03
N TYR A 9 -0.82 4.07 -4.71
CA TYR A 9 0.33 3.34 -4.17
C TYR A 9 -0.11 2.26 -3.19
N ARG A 10 -1.41 2.22 -2.89
CA ARG A 10 -1.92 1.44 -1.76
C ARG A 10 -1.81 -0.08 -1.92
N GLU A 11 -1.25 -0.57 -3.02
CA GLU A 11 -1.00 -2.01 -3.14
C GLU A 11 0.25 -2.34 -2.35
N ASN A 12 1.06 -1.32 -2.13
CA ASN A 12 2.30 -1.45 -1.40
C ASN A 12 2.24 -0.62 -0.14
N MET A 13 2.35 0.68 -0.31
CA MET A 13 2.26 1.62 0.80
C MET A 13 2.18 3.04 0.26
N TYR A 14 1.63 3.95 1.06
CA TYR A 14 1.55 5.35 0.67
C TYR A 14 2.20 6.22 1.74
N ALA A 15 1.85 5.95 2.98
CA ALA A 15 2.41 6.66 4.12
C ALA A 15 2.85 5.66 5.17
N TYR A 16 1.94 4.75 5.49
CA TYR A 16 2.23 3.65 6.38
C TYR A 16 2.91 2.53 5.61
N PRO A 17 4.16 2.21 5.94
CA PRO A 17 4.91 1.13 5.31
C PRO A 17 4.34 -0.23 5.68
N ASN A 18 3.53 -0.78 4.79
CA ASN A 18 2.76 -2.00 5.05
C ASN A 18 3.64 -3.24 5.02
N GLN A 19 4.94 -3.05 5.13
CA GLN A 19 5.86 -4.16 5.22
C GLN A 19 6.58 -4.17 6.56
N VAL A 20 6.91 -2.99 7.03
CA VAL A 20 7.72 -2.85 8.23
C VAL A 20 6.92 -3.27 9.46
N TYR A 21 5.67 -2.86 9.52
CA TYR A 21 4.83 -3.18 10.67
C TYR A 21 3.88 -4.32 10.36
N TYR A 22 3.97 -4.89 9.15
CA TYR A 22 3.06 -5.96 8.77
C TYR A 22 3.50 -7.29 9.37
N ARG A 23 4.80 -7.51 9.44
CA ARG A 23 5.32 -8.80 9.88
C ARG A 23 6.13 -8.69 11.18
N PRO A 24 7.25 -7.94 11.21
CA PRO A 24 8.16 -7.93 12.36
C PRO A 24 7.75 -6.96 13.47
N VAL A 25 8.06 -5.68 13.29
CA VAL A 25 7.89 -4.70 14.35
C VAL A 25 6.95 -3.58 13.91
N CYS A 26 5.84 -3.47 14.60
CA CYS A 26 4.86 -2.43 14.32
C CYS A 26 5.28 -1.13 14.99
N GLY A 1 -1.60 8.10 -15.44
CA GLY A 1 -1.03 9.20 -14.61
C GLY A 1 -0.78 8.74 -13.19
N ASN A 2 -1.82 8.82 -12.37
CA ASN A 2 -1.75 8.41 -10.97
C ASN A 2 -1.98 6.92 -10.85
N ASP A 3 -2.29 6.30 -11.98
CA ASP A 3 -2.73 4.91 -12.04
C ASP A 3 -1.62 3.94 -11.71
N TYR A 4 -1.89 3.07 -10.74
CA TYR A 4 -0.97 1.99 -10.38
C TYR A 4 -1.70 0.67 -10.30
N GLU A 5 -2.31 0.39 -9.15
CA GLU A 5 -3.04 -0.85 -8.94
C GLU A 5 -4.52 -0.55 -8.76
N ASP A 6 -4.93 -0.30 -7.53
CA ASP A 6 -6.32 0.02 -7.23
C ASP A 6 -6.59 1.49 -7.50
N ARG A 7 -5.54 2.28 -7.35
CA ARG A 7 -5.60 3.72 -7.57
C ARG A 7 -4.18 4.25 -7.73
N TYR A 8 -3.47 4.30 -6.62
CA TYR A 8 -2.08 4.75 -6.62
C TYR A 8 -1.21 3.59 -6.15
N TYR A 9 -0.05 3.95 -5.64
CA TYR A 9 0.93 3.02 -5.09
C TYR A 9 0.49 2.41 -3.75
N ARG A 10 -0.82 2.35 -3.51
CA ARG A 10 -1.33 2.04 -2.17
C ARG A 10 -1.14 0.58 -1.81
N GLU A 11 -1.02 -0.29 -2.82
CA GLU A 11 -0.81 -1.71 -2.59
C GLU A 11 0.67 -2.02 -2.36
N ASN A 12 1.40 -0.99 -1.99
CA ASN A 12 2.82 -1.11 -1.67
C ASN A 12 3.13 -0.18 -0.52
N MET A 13 2.82 1.09 -0.74
CA MET A 13 2.97 2.13 0.25
C MET A 13 1.71 2.98 0.22
N TYR A 14 0.77 2.64 1.09
CA TYR A 14 -0.50 3.34 1.11
C TYR A 14 -0.31 4.71 1.75
N ALA A 15 0.01 4.68 3.04
CA ALA A 15 0.30 5.88 3.81
C ALA A 15 0.86 5.46 5.16
N TYR A 16 0.12 4.58 5.81
CA TYR A 16 0.54 3.99 7.08
C TYR A 16 1.43 2.76 6.86
N PRO A 17 1.00 1.78 6.05
CA PRO A 17 1.77 0.56 5.84
C PRO A 17 2.98 0.80 4.96
N ASN A 18 4.02 1.35 5.55
CA ASN A 18 5.30 1.48 4.88
C ASN A 18 5.89 0.10 4.74
N GLN A 19 5.87 -0.63 5.85
CA GLN A 19 6.25 -2.03 5.89
C GLN A 19 5.49 -2.75 6.99
N VAL A 20 5.30 -2.08 8.11
CA VAL A 20 4.87 -2.73 9.35
C VAL A 20 3.42 -3.24 9.29
N TYR A 21 2.59 -2.60 8.48
CA TYR A 21 1.21 -3.08 8.30
C TYR A 21 1.13 -3.89 7.03
N TYR A 22 2.21 -3.86 6.26
CA TYR A 22 2.22 -4.46 4.94
C TYR A 22 2.75 -5.90 4.97
N ARG A 23 3.94 -6.11 5.53
CA ARG A 23 4.54 -7.44 5.54
C ARG A 23 4.65 -8.01 6.98
N PRO A 24 5.43 -7.38 7.89
CA PRO A 24 5.47 -7.81 9.30
C PRO A 24 4.16 -7.52 10.02
N VAL A 25 4.10 -7.90 11.29
CA VAL A 25 2.91 -7.67 12.09
C VAL A 25 3.10 -6.44 12.97
N CYS A 26 2.18 -5.49 12.83
CA CYS A 26 2.22 -4.27 13.61
C CYS A 26 1.89 -4.53 15.08
N GLY A 1 -0.38 13.75 -9.52
CA GLY A 1 0.14 12.91 -8.42
C GLY A 1 0.85 11.68 -8.91
N ASN A 2 0.12 10.58 -9.00
CA ASN A 2 0.69 9.30 -9.43
C ASN A 2 -0.43 8.38 -9.91
N ASP A 3 -0.06 7.22 -10.44
CA ASP A 3 -1.04 6.25 -10.92
C ASP A 3 -0.50 4.83 -10.80
N TYR A 4 -1.30 3.95 -10.21
CA TYR A 4 -0.87 2.57 -9.98
C TYR A 4 -2.00 1.57 -10.19
N GLU A 5 -2.00 0.54 -9.36
CA GLU A 5 -2.89 -0.62 -9.56
C GLU A 5 -4.35 -0.28 -9.30
N ASP A 6 -4.73 -0.18 -8.04
CA ASP A 6 -6.10 0.11 -7.66
C ASP A 6 -6.40 1.58 -7.87
N ARG A 7 -5.39 2.40 -7.60
CA ARG A 7 -5.49 3.84 -7.71
C ARG A 7 -4.10 4.43 -7.72
N TYR A 8 -3.50 4.46 -6.54
CA TYR A 8 -2.13 4.92 -6.36
C TYR A 8 -1.32 3.78 -5.77
N TYR A 9 -0.13 4.09 -5.27
CA TYR A 9 0.72 3.09 -4.64
C TYR A 9 0.25 2.76 -3.21
N ARG A 10 -1.06 2.56 -3.06
CA ARG A 10 -1.61 2.09 -1.80
C ARG A 10 -1.75 0.58 -1.83
N GLU A 11 -1.26 -0.03 -2.90
CA GLU A 11 -1.10 -1.47 -2.96
C GLU A 11 0.02 -1.85 -2.00
N ASN A 12 0.95 -0.92 -1.85
CA ASN A 12 2.04 -1.06 -0.92
C ASN A 12 1.89 -0.03 0.20
N MET A 13 2.64 -0.18 1.27
CA MET A 13 2.55 0.72 2.41
C MET A 13 3.09 2.10 2.07
N TYR A 14 2.18 3.02 1.77
CA TYR A 14 2.55 4.40 1.49
C TYR A 14 1.62 5.37 2.21
N ALA A 15 0.58 4.84 2.84
CA ALA A 15 -0.37 5.67 3.57
C ALA A 15 -1.31 4.81 4.40
N TYR A 16 -2.08 3.98 3.71
CA TYR A 16 -3.14 3.19 4.33
C TYR A 16 -2.67 1.79 4.74
N PRO A 17 -2.20 0.96 3.80
CA PRO A 17 -1.92 -0.46 4.06
C PRO A 17 -0.67 -0.69 4.91
N ASN A 18 -0.80 -0.52 6.21
CA ASN A 18 0.29 -0.84 7.13
C ASN A 18 0.50 -2.34 7.18
N GLN A 19 -0.51 -3.06 7.62
CA GLN A 19 -0.48 -4.51 7.61
C GLN A 19 -1.82 -5.07 7.13
N VAL A 20 -2.90 -4.35 7.42
CA VAL A 20 -4.26 -4.89 7.23
C VAL A 20 -4.60 -5.06 5.75
N TYR A 21 -4.18 -4.12 4.92
CA TYR A 21 -4.43 -4.21 3.49
C TYR A 21 -3.19 -4.70 2.78
N TYR A 22 -2.19 -5.05 3.56
CA TYR A 22 -0.89 -5.40 3.02
C TYR A 22 -0.65 -6.91 3.07
N ARG A 23 -0.94 -7.52 4.21
CA ARG A 23 -0.66 -8.94 4.38
C ARG A 23 -1.92 -9.80 4.19
N PRO A 24 -2.98 -9.62 5.03
CA PRO A 24 -4.23 -10.33 4.84
C PRO A 24 -5.07 -9.70 3.73
N VAL A 25 -6.22 -10.29 3.47
CA VAL A 25 -7.13 -9.76 2.47
C VAL A 25 -7.73 -8.43 2.93
N CYS A 26 -7.68 -7.45 2.05
CA CYS A 26 -8.19 -6.12 2.37
C CYS A 26 -9.71 -6.10 2.42
#